data_7Q0Y
#
_entry.id   7Q0Y
#
_cell.length_a   41.303
_cell.length_b   62.331
_cell.length_c   86.244
_cell.angle_alpha   90.000
_cell.angle_beta   90.000
_cell.angle_gamma   90.000
#
_symmetry.space_group_name_H-M   'P 21 21 21'
#
loop_
_entity.id
_entity.type
_entity.pdbx_description
1 polymer Beta-lactamase
2 non-polymer N-[(1R)-1-(DIHYDROXYBORYL)-3-METHYLBUTYL]-N-(PYRAZIN-2-YLCARBONYL)-L-PHENYLALANINAMIDE
3 non-polymer GLYCEROL
4 non-polymer 'ACETATE ION'
5 non-polymer 'CHLORIDE ION'
6 water water
#
_entity_poly.entity_id   1
_entity_poly.type   'polypeptide(L)'
_entity_poly.pdbx_seq_one_letter_code
;ETSAVQQKLAALEKSSGGRLGVALIDTADNTQVLYRGDERFPMCSTSKVMAAAAVLKQSETQKQLLNQPVEIKPADLVNY
NPIAEKHVNGTMTLAELSAAALQYSDNTAMNKLIAQLGGPGGVTAFARAIGDETFRLDRTEPTLNTAIPGDPRDTTTPRA
MAQTLRQLTLGHALGETQRAQLVTWLKGNTTGAASIRAGLPTSWTVGDKTGSGDYGTTNDIAVIWPQGRAPLVLVTYFTQ
PQQNAESRRDVLASAARIIAEGL
;
_entity_poly.pdbx_strand_id   A
#
# COMPACT_ATOMS: atom_id res chain seq x y z
N GLU A 1 13.01 -19.88 -15.49
CA GLU A 1 12.19 -19.74 -16.68
C GLU A 1 11.23 -18.57 -16.59
N THR A 2 11.07 -17.85 -17.70
CA THR A 2 10.25 -16.64 -17.71
C THR A 2 9.11 -16.73 -18.72
N SER A 3 7.99 -16.12 -18.38
CA SER A 3 6.90 -15.96 -19.31
C SER A 3 7.07 -14.63 -20.07
N ALA A 4 6.28 -14.46 -21.13
CA ALA A 4 6.27 -13.17 -21.83
C ALA A 4 5.92 -12.01 -20.91
N VAL A 5 5.08 -12.23 -19.90
CA VAL A 5 4.76 -11.15 -18.96
C VAL A 5 6.02 -10.72 -18.23
N GLN A 6 6.77 -11.69 -17.69
CA GLN A 6 7.98 -11.37 -16.94
C GLN A 6 9.04 -10.80 -17.85
N GLN A 7 9.10 -11.24 -19.11
CA GLN A 7 10.06 -10.66 -20.03
C GLN A 7 9.74 -9.20 -20.30
N LYS A 8 8.46 -8.87 -20.46
CA LYS A 8 8.09 -7.47 -20.66
C LYS A 8 8.42 -6.65 -19.42
N LEU A 9 8.19 -7.18 -18.23
CA LEU A 9 8.50 -6.44 -17.02
C LEU A 9 10.00 -6.23 -16.88
N ALA A 10 10.81 -7.23 -17.25
CA ALA A 10 12.25 -7.08 -17.20
C ALA A 10 12.72 -5.99 -18.16
N ALA A 11 12.11 -5.91 -19.35
CA ALA A 11 12.52 -4.89 -20.30
C ALA A 11 12.13 -3.51 -19.78
N LEU A 12 10.96 -3.40 -19.15
CA LEU A 12 10.57 -2.16 -18.50
C LEU A 12 11.56 -1.79 -17.40
N GLU A 13 11.88 -2.74 -16.54
CA GLU A 13 12.90 -2.50 -15.52
C GLU A 13 14.20 -2.00 -16.13
N LYS A 14 14.67 -2.67 -17.17
CA LYS A 14 15.95 -2.26 -17.75
C LYS A 14 15.87 -0.83 -18.27
N SER A 15 14.79 -0.48 -18.95
CA SER A 15 14.67 0.86 -19.50
CA SER A 15 14.64 0.86 -19.50
C SER A 15 14.54 1.90 -18.41
N SER A 16 13.98 1.53 -17.26
CA SER A 16 13.75 2.48 -16.18
C SER A 16 14.98 2.81 -15.40
N GLY A 17 15.99 1.93 -15.40
CA GLY A 17 17.21 2.13 -14.64
C GLY A 17 17.16 1.66 -13.20
N GLY A 18 16.02 1.20 -12.73
CA GLY A 18 15.86 0.83 -11.34
C GLY A 18 15.58 -0.64 -11.13
N ARG A 19 14.94 -0.94 -10.01
CA ARG A 19 14.62 -2.28 -9.57
C ARG A 19 13.12 -2.34 -9.35
N LEU A 20 12.46 -3.23 -10.07
CA LEU A 20 11.02 -3.33 -10.13
C LEU A 20 10.58 -4.65 -9.49
N GLY A 21 9.53 -4.58 -8.67
CA GLY A 21 8.94 -5.76 -8.04
C GLY A 21 7.45 -5.77 -8.29
N VAL A 22 6.95 -6.89 -8.77
CA VAL A 22 5.55 -6.98 -9.15
C VAL A 22 4.99 -8.29 -8.63
N ALA A 23 3.76 -8.24 -8.11
CA ALA A 23 3.03 -9.46 -7.81
C ALA A 23 1.57 -9.24 -8.17
N LEU A 24 1.04 -10.14 -9.01
CA LEU A 24 -0.35 -10.16 -9.43
C LEU A 24 -0.93 -11.46 -8.90
N ILE A 25 -2.05 -11.39 -8.19
CA ILE A 25 -2.83 -12.56 -7.82
C ILE A 25 -4.14 -12.49 -8.61
N ASP A 26 -4.45 -13.56 -9.34
CA ASP A 26 -5.74 -13.67 -10.02
C ASP A 26 -6.64 -14.53 -9.14
N THR A 27 -7.71 -13.96 -8.59
CA THR A 27 -8.54 -14.72 -7.67
C THR A 27 -9.47 -15.66 -8.39
N ALA A 28 -9.50 -15.65 -9.72
CA ALA A 28 -10.28 -16.66 -10.43
C ALA A 28 -9.74 -18.06 -10.15
N ASP A 29 -8.41 -18.19 -10.09
CA ASP A 29 -7.75 -19.49 -9.94
C ASP A 29 -6.59 -19.48 -8.95
N ASN A 30 -6.38 -18.39 -8.23
CA ASN A 30 -5.32 -18.26 -7.22
C ASN A 30 -3.92 -18.33 -7.81
N THR A 31 -3.80 -18.13 -9.11
CA THR A 31 -2.48 -18.06 -9.70
C THR A 31 -1.81 -16.72 -9.41
N GLN A 32 -0.49 -16.73 -9.38
CA GLN A 32 0.32 -15.55 -9.18
C GLN A 32 1.28 -15.36 -10.35
N VAL A 33 1.49 -14.11 -10.72
CA VAL A 33 2.56 -13.71 -11.62
C VAL A 33 3.47 -12.80 -10.83
N LEU A 34 4.75 -13.15 -10.76
CA LEU A 34 5.72 -12.46 -9.92
C LEU A 34 6.89 -11.98 -10.75
N TYR A 35 7.42 -10.84 -10.36
CA TYR A 35 8.69 -10.33 -10.88
C TYR A 35 9.45 -9.78 -9.68
N ARG A 36 10.57 -10.42 -9.34
CA ARG A 36 11.29 -10.14 -8.10
C ARG A 36 10.35 -10.25 -6.91
N GLY A 37 9.46 -11.25 -6.97
CA GLY A 37 8.36 -11.30 -6.02
C GLY A 37 8.77 -11.62 -4.61
N ASP A 38 9.95 -12.19 -4.40
CA ASP A 38 10.45 -12.51 -3.07
C ASP A 38 11.62 -11.63 -2.66
N GLU A 39 11.90 -10.54 -3.38
CA GLU A 39 12.88 -9.55 -2.94
C GLU A 39 12.20 -8.50 -2.09
N ARG A 40 12.92 -7.99 -1.10
CA ARG A 40 12.39 -6.94 -0.25
C ARG A 40 12.51 -5.59 -0.95
N PHE A 41 11.52 -4.74 -0.71
CA PHE A 41 11.47 -3.38 -1.18
C PHE A 41 10.99 -2.49 -0.04
N PRO A 42 11.41 -1.22 -0.01
CA PRO A 42 10.86 -0.28 0.98
C PRO A 42 9.40 0.00 0.65
N MET A 43 8.53 -0.15 1.64
CA MET A 43 7.09 0.00 1.40
C MET A 43 6.67 1.45 1.31
N CYS A 44 7.35 2.33 2.02
CA CYS A 44 6.98 3.74 2.18
C CYS A 44 5.49 3.78 2.55
N SER A 45 4.74 4.69 1.95
CA SER A 45 3.37 4.93 2.42
C SER A 45 2.42 3.79 2.12
N THR A 46 2.82 2.75 1.37
CA THR A 46 1.91 1.62 1.22
C THR A 46 1.70 0.91 2.54
N SER A 47 2.61 1.11 3.50
CA SER A 47 2.44 0.57 4.84
C SER A 47 1.22 1.14 5.56
N LYS A 48 0.67 2.27 5.10
CA LYS A 48 -0.52 2.83 5.73
C LYS A 48 -1.70 1.87 5.65
N VAL A 49 -1.73 1.00 4.64
CA VAL A 49 -2.82 0.02 4.56
C VAL A 49 -2.80 -0.90 5.78
N MET A 50 -1.60 -1.39 6.14
CA MET A 50 -1.50 -2.31 7.27
CA MET A 50 -1.50 -2.31 7.27
C MET A 50 -1.89 -1.62 8.57
N ALA A 51 -1.48 -0.37 8.75
CA ALA A 51 -1.84 0.36 9.95
C ALA A 51 -3.35 0.58 10.06
N ALA A 52 -3.98 1.03 8.97
CA ALA A 52 -5.43 1.21 9.00
C ALA A 52 -6.13 -0.11 9.26
N ALA A 53 -5.67 -1.18 8.60
CA ALA A 53 -6.28 -2.50 8.80
C ALA A 53 -6.14 -2.97 10.24
N ALA A 54 -5.00 -2.68 10.87
CA ALA A 54 -4.79 -3.09 12.26
C ALA A 54 -5.78 -2.41 13.21
N VAL A 55 -6.08 -1.15 12.94
CA VAL A 55 -7.10 -0.45 13.72
C VAL A 55 -8.49 -1.02 13.44
N LEU A 56 -8.78 -1.29 12.17
CA LEU A 56 -10.03 -1.95 11.85
C LEU A 56 -10.18 -3.24 12.63
N LYS A 57 -9.12 -4.03 12.72
CA LYS A 57 -9.19 -5.27 13.48
C LYS A 57 -9.52 -5.01 14.95
N GLN A 58 -8.89 -4.00 15.55
CA GLN A 58 -9.21 -3.67 16.93
C GLN A 58 -10.67 -3.34 17.07
N SER A 59 -11.24 -2.67 16.06
CA SER A 59 -12.63 -2.23 16.12
C SER A 59 -13.63 -3.36 16.03
N GLU A 60 -13.22 -4.56 15.63
CA GLU A 60 -14.14 -5.69 15.59
C GLU A 60 -14.65 -6.03 16.96
N THR A 61 -13.87 -5.75 18.01
CA THR A 61 -14.30 -6.02 19.37
C THR A 61 -14.55 -4.75 20.17
N GLN A 62 -14.18 -3.58 19.67
CA GLN A 62 -14.52 -2.28 20.26
C GLN A 62 -15.34 -1.52 19.24
N LYS A 63 -16.68 -1.67 19.31
CA LYS A 63 -17.55 -1.33 18.19
C LYS A 63 -17.54 0.16 17.86
N GLN A 64 -17.29 1.04 18.82
CA GLN A 64 -17.25 2.47 18.56
C GLN A 64 -15.83 3.02 18.44
N LEU A 65 -14.81 2.15 18.35
CA LEU A 65 -13.44 2.62 18.32
C LEU A 65 -13.19 3.56 17.16
N LEU A 66 -13.74 3.26 16.00
CA LEU A 66 -13.47 4.13 14.86
C LEU A 66 -13.99 5.54 15.07
N ASN A 67 -15.02 5.70 15.90
CA ASN A 67 -15.54 7.04 16.13
C ASN A 67 -14.90 7.73 17.32
N GLN A 68 -13.86 7.15 17.89
CA GLN A 68 -13.19 7.76 19.02
C GLN A 68 -12.38 8.97 18.60
N PRO A 69 -12.63 10.17 19.14
CA PRO A 69 -11.78 11.32 18.79
C PRO A 69 -10.39 11.22 19.37
N VAL A 70 -9.39 11.58 18.57
CA VAL A 70 -7.99 11.64 18.96
C VAL A 70 -7.52 13.07 18.83
N GLU A 71 -6.87 13.59 19.87
CA GLU A 71 -6.41 14.97 19.80
C GLU A 71 -5.24 15.11 18.84
N ILE A 72 -5.28 16.20 18.07
CA ILE A 72 -4.19 16.62 17.18
C ILE A 72 -3.59 17.88 17.80
N LYS A 73 -2.36 17.79 18.23
CA LYS A 73 -1.62 18.92 18.78
C LYS A 73 -0.72 19.53 17.72
N PRO A 74 -0.36 20.81 17.85
CA PRO A 74 0.59 21.41 16.91
C PRO A 74 1.83 20.57 16.73
N ALA A 75 2.36 20.01 17.82
CA ALA A 75 3.60 19.25 17.81
C ALA A 75 3.47 17.92 17.09
N ASP A 76 2.25 17.48 16.77
CA ASP A 76 2.09 16.22 16.06
C ASP A 76 2.40 16.35 14.59
N LEU A 77 2.42 17.55 14.03
CA LEU A 77 2.55 17.66 12.60
C LEU A 77 3.96 17.32 12.12
N VAL A 78 4.02 16.59 11.01
CA VAL A 78 5.28 16.20 10.40
C VAL A 78 5.37 16.86 9.04
N ASN A 79 5.82 16.13 8.02
CA ASN A 79 6.21 16.75 6.76
C ASN A 79 5.06 16.89 5.75
N TYR A 80 3.94 16.22 5.95
CA TYR A 80 2.86 16.25 4.95
C TYR A 80 1.55 15.94 5.67
N ASN A 81 0.79 16.99 5.93
CA ASN A 81 -0.34 16.92 6.87
C ASN A 81 -1.57 17.59 6.29
N PRO A 82 -1.97 17.21 5.06
CA PRO A 82 -3.01 18.00 4.37
C PRO A 82 -4.34 18.02 5.09
N ILE A 83 -4.68 16.95 5.79
CA ILE A 83 -5.91 16.86 6.54
C ILE A 83 -5.69 17.24 8.00
N ALA A 84 -4.67 16.67 8.63
CA ALA A 84 -4.45 16.91 10.04
C ALA A 84 -4.23 18.37 10.36
N GLU A 85 -3.66 19.16 9.44
CA GLU A 85 -3.40 20.56 9.74
C GLU A 85 -4.70 21.32 9.93
N LYS A 86 -5.82 20.79 9.45
CA LYS A 86 -7.12 21.43 9.63
C LYS A 86 -7.72 21.16 10.99
N HIS A 87 -7.05 20.36 11.81
CA HIS A 87 -7.58 19.91 13.11
C HIS A 87 -6.61 20.13 14.24
N VAL A 88 -5.63 21.01 14.06
CA VAL A 88 -4.69 21.31 15.13
C VAL A 88 -5.42 21.96 16.29
N ASN A 89 -5.12 21.50 17.50
CA ASN A 89 -5.87 21.86 18.71
C ASN A 89 -7.32 21.42 18.66
N GLY A 90 -7.61 20.48 17.79
CA GLY A 90 -8.89 19.81 17.70
C GLY A 90 -8.68 18.31 17.73
N THR A 91 -9.52 17.61 16.98
CA THR A 91 -9.51 16.15 17.01
C THR A 91 -9.80 15.61 15.61
N MET A 92 -9.42 14.37 15.44
CA MET A 92 -9.88 13.50 14.36
C MET A 92 -10.18 12.14 14.96
N THR A 93 -11.25 11.53 14.51
CA THR A 93 -11.54 10.17 14.96
C THR A 93 -10.60 9.19 14.27
N LEU A 94 -10.55 7.97 14.79
CA LEU A 94 -9.73 6.96 14.15
C LEU A 94 -10.21 6.67 12.73
N ALA A 95 -11.52 6.78 12.46
CA ALA A 95 -11.99 6.65 11.07
C ALA A 95 -11.48 7.80 10.21
N GLU A 96 -11.55 9.03 10.72
CA GLU A 96 -11.06 10.17 9.96
C GLU A 96 -9.56 10.07 9.73
N LEU A 97 -8.82 9.59 10.72
CA LEU A 97 -7.39 9.41 10.56
C LEU A 97 -7.11 8.35 9.52
N SER A 98 -7.87 7.26 9.53
CA SER A 98 -7.66 6.20 8.54
C SER A 98 -7.95 6.72 7.16
N ALA A 99 -9.05 7.45 7.00
CA ALA A 99 -9.37 8.00 5.68
C ALA A 99 -8.31 8.98 5.21
N ALA A 100 -7.80 9.82 6.10
CA ALA A 100 -6.78 10.78 5.72
C ALA A 100 -5.49 10.09 5.34
N ALA A 101 -5.07 9.10 6.12
CA ALA A 101 -3.85 8.34 5.83
C ALA A 101 -3.97 7.62 4.51
N LEU A 102 -5.12 6.99 4.26
CA LEU A 102 -5.27 6.17 3.07
C LEU A 102 -5.54 7.01 1.83
N GLN A 103 -6.44 7.99 1.93
CA GLN A 103 -6.95 8.65 0.74
C GLN A 103 -6.16 9.88 0.35
N TYR A 104 -5.47 10.50 1.31
CA TYR A 104 -4.61 11.67 1.05
C TYR A 104 -3.16 11.41 1.38
N SER A 105 -2.84 10.26 1.96
CA SER A 105 -1.48 9.93 2.37
C SER A 105 -0.96 10.88 3.45
N ASP A 106 -1.84 11.34 4.34
CA ASP A 106 -1.44 12.22 5.43
C ASP A 106 -0.53 11.48 6.41
N ASN A 107 0.64 12.05 6.66
CA ASN A 107 1.64 11.38 7.49
C ASN A 107 1.36 11.58 8.98
N THR A 108 0.77 12.70 9.40
CA THR A 108 0.37 12.85 10.80
C THR A 108 -0.70 11.82 11.13
N ALA A 109 -1.63 11.63 10.22
CA ALA A 109 -2.67 10.62 10.40
C ALA A 109 -2.06 9.24 10.57
N MET A 110 -1.12 8.87 9.71
CA MET A 110 -0.43 7.58 9.87
C MET A 110 0.21 7.47 11.24
N ASN A 111 0.90 8.50 11.70
CA ASN A 111 1.55 8.39 12.99
C ASN A 111 0.54 8.18 14.12
N LYS A 112 -0.65 8.78 14.02
CA LYS A 112 -1.67 8.53 15.03
C LYS A 112 -2.16 7.10 14.98
N LEU A 113 -2.28 6.51 13.80
CA LEU A 113 -2.66 5.10 13.72
C LEU A 113 -1.58 4.23 14.36
N ILE A 114 -0.32 4.50 14.05
CA ILE A 114 0.78 3.74 14.65
C ILE A 114 0.73 3.87 16.15
N ALA A 115 0.50 5.08 16.66
CA ALA A 115 0.45 5.27 18.11
C ALA A 115 -0.72 4.52 18.73
N GLN A 116 -1.87 4.48 18.06
CA GLN A 116 -3.00 3.71 18.56
C GLN A 116 -2.66 2.24 18.71
N LEU A 117 -1.76 1.73 17.88
CA LEU A 117 -1.36 0.34 17.90
C LEU A 117 -0.17 0.08 18.82
N GLY A 118 0.31 1.10 19.52
CA GLY A 118 1.41 0.93 20.45
C GLY A 118 2.79 1.06 19.84
N GLY A 119 2.89 1.60 18.64
CA GLY A 119 4.14 1.77 17.96
C GLY A 119 4.27 0.91 16.73
N PRO A 120 5.35 1.08 15.99
CA PRO A 120 5.52 0.29 14.74
C PRO A 120 5.44 -1.19 14.96
N GLY A 121 5.94 -1.68 16.10
CA GLY A 121 5.84 -3.09 16.38
C GLY A 121 4.42 -3.61 16.50
N GLY A 122 3.47 -2.73 16.88
CA GLY A 122 2.06 -3.15 16.93
C GLY A 122 1.49 -3.36 15.55
N VAL A 123 1.96 -2.62 14.57
CA VAL A 123 1.52 -2.85 13.21
C VAL A 123 2.08 -4.19 12.71
N THR A 124 3.37 -4.45 13.01
CA THR A 124 3.98 -5.71 12.62
C THR A 124 3.29 -6.88 13.29
N ALA A 125 2.90 -6.74 14.55
CA ALA A 125 2.23 -7.82 15.25
C ALA A 125 0.89 -8.14 14.61
N PHE A 126 0.16 -7.12 14.15
CA PHE A 126 -1.07 -7.37 13.41
C PHE A 126 -0.78 -8.14 12.14
N ALA A 127 0.26 -7.72 11.39
CA ALA A 127 0.62 -8.44 10.18
C ALA A 127 0.85 -9.92 10.50
N ARG A 128 1.62 -10.22 11.54
CA ARG A 128 1.87 -11.61 11.88
C ARG A 128 0.58 -12.34 12.22
N ALA A 129 -0.34 -11.66 12.89
CA ALA A 129 -1.60 -12.31 13.29
C ALA A 129 -2.45 -12.70 12.09
N ILE A 130 -2.34 -11.97 10.97
CA ILE A 130 -3.08 -12.31 9.77
C ILE A 130 -2.26 -13.13 8.79
N GLY A 131 -1.14 -13.69 9.22
CA GLY A 131 -0.39 -14.60 8.40
C GLY A 131 0.68 -13.98 7.54
N ASP A 132 0.93 -12.69 7.66
CA ASP A 132 2.00 -12.03 6.91
C ASP A 132 3.26 -12.12 7.75
N GLU A 133 4.18 -12.95 7.33
CA GLU A 133 5.42 -13.19 8.04
C GLU A 133 6.58 -12.37 7.50
N THR A 134 6.33 -11.49 6.55
CA THR A 134 7.36 -10.77 5.82
C THR A 134 7.38 -9.29 6.14
N PHE A 135 6.22 -8.68 6.21
CA PHE A 135 6.09 -7.25 6.53
C PHE A 135 6.81 -6.92 7.82
N ARG A 136 7.52 -5.79 7.82
CA ARG A 136 8.01 -5.24 9.08
C ARG A 136 7.92 -3.73 9.01
N LEU A 137 7.33 -3.12 10.02
CA LEU A 137 7.33 -1.68 10.21
C LEU A 137 8.19 -1.38 11.41
N ASP A 138 9.19 -0.56 11.21
CA ASP A 138 10.20 -0.27 12.21
C ASP A 138 10.16 1.16 12.69
N ARG A 139 9.70 2.09 11.86
CA ARG A 139 9.79 3.51 12.12
C ARG A 139 8.46 4.18 11.81
N THR A 140 8.30 5.39 12.32
CA THR A 140 7.14 6.23 12.04
C THR A 140 7.42 7.08 10.80
N GLU A 141 6.46 7.90 10.42
CA GLU A 141 6.67 8.91 9.38
C GLU A 141 7.42 10.10 9.97
N PRO A 142 8.39 10.68 9.24
CA PRO A 142 8.75 10.36 7.86
C PRO A 142 9.95 9.44 7.70
N THR A 143 10.57 8.98 8.80
CA THR A 143 11.82 8.26 8.63
C THR A 143 11.64 6.89 8.01
N LEU A 144 10.43 6.35 8.00
CA LEU A 144 10.24 5.06 7.36
C LEU A 144 10.49 5.11 5.86
N ASN A 145 10.72 6.28 5.27
CA ASN A 145 10.91 6.41 3.83
C ASN A 145 12.37 6.53 3.38
N THR A 146 13.34 6.28 4.26
CA THR A 146 14.74 6.45 3.86
C THR A 146 15.12 5.53 2.69
N ALA A 147 14.52 4.35 2.63
CA ALA A 147 14.56 3.49 1.44
C ALA A 147 15.99 3.14 1.01
N ILE A 148 16.87 2.91 1.97
CA ILE A 148 18.27 2.61 1.66
C ILE A 148 18.40 1.22 1.07
N PRO A 149 19.10 1.05 -0.06
CA PRO A 149 19.26 -0.29 -0.63
C PRO A 149 19.93 -1.19 0.40
N GLY A 150 19.39 -2.41 0.58
CA GLY A 150 19.94 -3.37 1.52
C GLY A 150 19.43 -3.27 2.94
N ASP A 151 18.66 -2.24 3.26
CA ASP A 151 18.17 -2.02 4.60
C ASP A 151 16.82 -2.71 4.73
N PRO A 152 16.66 -3.71 5.59
CA PRO A 152 15.36 -4.37 5.70
C PRO A 152 14.33 -3.60 6.51
N ARG A 153 14.68 -2.48 7.14
CA ARG A 153 13.66 -1.76 7.90
C ARG A 153 12.54 -1.32 6.98
N ASP A 154 11.31 -1.45 7.44
CA ASP A 154 10.15 -0.90 6.73
C ASP A 154 10.03 -1.46 5.32
N THR A 155 10.26 -2.76 5.18
CA THR A 155 10.21 -3.43 3.89
C THR A 155 9.20 -4.59 3.93
N THR A 156 8.82 -5.03 2.74
CA THR A 156 8.13 -6.30 2.52
C THR A 156 8.51 -6.77 1.13
N THR A 157 7.94 -7.88 0.71
CA THR A 157 8.13 -8.37 -0.66
C THR A 157 6.84 -8.19 -1.45
N PRO A 158 6.93 -8.13 -2.77
CA PRO A 158 5.69 -8.02 -3.55
C PRO A 158 4.73 -9.17 -3.32
N ARG A 159 5.24 -10.41 -3.23
CA ARG A 159 4.35 -11.54 -3.01
C ARG A 159 3.63 -11.41 -1.69
N ALA A 160 4.37 -11.08 -0.63
CA ALA A 160 3.76 -11.03 0.69
C ALA A 160 2.72 -9.94 0.73
N MET A 161 3.02 -8.78 0.16
CA MET A 161 2.05 -7.69 0.23
CA MET A 161 2.05 -7.69 0.23
C MET A 161 0.82 -7.97 -0.62
N ALA A 162 1.00 -8.63 -1.76
CA ALA A 162 -0.16 -8.98 -2.57
C ALA A 162 -1.06 -9.95 -1.82
N GLN A 163 -0.45 -10.98 -1.21
CA GLN A 163 -1.22 -11.96 -0.44
C GLN A 163 -1.99 -11.26 0.67
N THR A 164 -1.33 -10.40 1.40
CA THR A 164 -1.99 -9.71 2.49
C THR A 164 -3.08 -8.79 2.00
N LEU A 165 -2.81 -8.01 0.94
CA LEU A 165 -3.85 -7.11 0.43
C LEU A 165 -5.07 -7.91 -0.01
N ARG A 166 -4.84 -9.05 -0.66
CA ARG A 166 -5.95 -9.93 -1.02
C ARG A 166 -6.74 -10.36 0.20
N GLN A 167 -6.04 -10.84 1.23
CA GLN A 167 -6.72 -11.33 2.41
CA GLN A 167 -6.73 -11.34 2.41
C GLN A 167 -7.47 -10.23 3.14
N LEU A 168 -6.96 -8.99 3.09
CA LEU A 168 -7.59 -7.87 3.78
C LEU A 168 -8.82 -7.35 3.06
N THR A 169 -8.85 -7.41 1.73
CA THR A 169 -9.89 -6.76 0.93
C THR A 169 -10.90 -7.72 0.32
N LEU A 170 -10.45 -8.88 -0.12
CA LEU A 170 -11.29 -9.88 -0.75
C LEU A 170 -11.48 -11.12 0.10
N GLY A 171 -10.49 -11.50 0.88
CA GLY A 171 -10.62 -12.53 1.88
C GLY A 171 -11.08 -11.95 3.19
N HIS A 172 -10.84 -12.71 4.26
CA HIS A 172 -11.53 -12.42 5.52
C HIS A 172 -10.56 -12.30 6.67
N ALA A 173 -9.40 -11.71 6.43
CA ALA A 173 -8.54 -11.34 7.54
C ALA A 173 -9.25 -10.38 8.48
N LEU A 174 -10.16 -9.57 7.97
CA LEU A 174 -11.02 -8.69 8.74
C LEU A 174 -12.46 -9.18 8.68
N GLY A 175 -13.25 -8.75 9.65
CA GLY A 175 -14.68 -8.99 9.64
C GLY A 175 -15.33 -8.24 8.50
N GLU A 176 -16.58 -8.58 8.22
CA GLU A 176 -17.21 -8.08 6.98
C GLU A 176 -17.36 -6.57 6.98
N THR A 177 -17.85 -5.99 8.08
CA THR A 177 -17.99 -4.53 8.09
C THR A 177 -16.64 -3.86 7.87
N GLN A 178 -15.58 -4.45 8.44
CA GLN A 178 -14.25 -3.87 8.38
C GLN A 178 -13.62 -4.06 7.00
N ARG A 179 -13.79 -5.23 6.38
CA ARG A 179 -13.28 -5.47 5.04
C ARG A 179 -13.92 -4.47 4.08
N ALA A 180 -15.23 -4.33 4.19
CA ALA A 180 -15.94 -3.40 3.32
C ALA A 180 -15.47 -1.99 3.55
N GLN A 181 -15.23 -1.59 4.80
CA GLN A 181 -14.73 -0.24 5.08
C GLN A 181 -13.36 -0.02 4.45
N LEU A 182 -12.47 -1.01 4.53
CA LEU A 182 -11.15 -0.86 3.92
C LEU A 182 -11.28 -0.71 2.40
N VAL A 183 -12.14 -1.52 1.78
CA VAL A 183 -12.38 -1.37 0.35
C VAL A 183 -12.91 0.01 0.02
N THR A 184 -13.88 0.50 0.77
CA THR A 184 -14.43 1.84 0.55
C THR A 184 -13.32 2.88 0.59
N TRP A 185 -12.45 2.79 1.60
CA TRP A 185 -11.35 3.75 1.70
C TRP A 185 -10.42 3.67 0.50
N LEU A 186 -9.96 2.46 0.17
CA LEU A 186 -9.00 2.33 -0.93
C LEU A 186 -9.60 2.81 -2.25
N LYS A 187 -10.87 2.50 -2.47
CA LYS A 187 -11.49 2.90 -3.72
C LYS A 187 -11.53 4.42 -3.85
N GLY A 188 -11.68 5.15 -2.75
CA GLY A 188 -11.75 6.58 -2.77
C GLY A 188 -10.43 7.29 -2.76
N ASN A 189 -9.34 6.56 -2.87
CA ASN A 189 -8.02 7.19 -2.85
C ASN A 189 -7.93 8.33 -3.86
N THR A 190 -7.28 9.42 -3.46
CA THR A 190 -7.10 10.59 -4.33
C THR A 190 -5.71 10.68 -4.96
N THR A 191 -4.76 9.84 -4.58
CA THR A 191 -3.37 10.03 -4.97
C THR A 191 -2.88 9.11 -6.09
N GLY A 192 -3.75 8.26 -6.64
CA GLY A 192 -3.33 7.17 -7.49
C GLY A 192 -3.51 7.34 -8.99
N ALA A 193 -3.88 8.51 -9.46
CA ALA A 193 -4.33 8.65 -10.85
C ALA A 193 -3.22 8.37 -11.85
N ALA A 194 -1.96 8.60 -11.50
CA ALA A 194 -0.84 8.43 -12.42
C ALA A 194 -0.10 7.11 -12.24
N SER A 195 -0.56 6.27 -11.34
CA SER A 195 0.15 5.04 -10.97
C SER A 195 -0.56 3.84 -11.59
N ILE A 196 -0.89 2.80 -10.83
CA ILE A 196 -1.52 1.61 -11.43
C ILE A 196 -2.74 1.98 -12.26
N ARG A 197 -3.59 2.86 -11.72
CA ARG A 197 -4.83 3.22 -12.39
C ARG A 197 -4.59 3.71 -13.81
N ALA A 198 -3.48 4.40 -14.05
CA ALA A 198 -3.22 4.97 -15.36
C ALA A 198 -2.90 3.90 -16.39
N GLY A 199 -2.55 2.69 -15.96
CA GLY A 199 -2.25 1.60 -16.86
C GLY A 199 -3.37 0.63 -17.09
N LEU A 200 -4.53 0.82 -16.47
CA LEU A 200 -5.64 -0.11 -16.58
C LEU A 200 -6.81 0.51 -17.34
N PRO A 201 -7.69 -0.31 -17.90
CA PRO A 201 -8.92 0.22 -18.52
C PRO A 201 -9.74 1.03 -17.54
N THR A 202 -10.35 2.12 -18.03
CA THR A 202 -11.12 3.00 -17.17
C THR A 202 -12.38 2.32 -16.65
N SER A 203 -12.82 1.24 -17.27
CA SER A 203 -14.02 0.57 -16.79
C SER A 203 -13.77 -0.31 -15.58
N TRP A 204 -12.51 -0.58 -15.24
CA TRP A 204 -12.17 -1.42 -14.09
C TRP A 204 -12.19 -0.58 -12.82
N THR A 205 -12.78 -1.13 -11.78
CA THR A 205 -12.80 -0.46 -10.49
C THR A 205 -11.51 -0.77 -9.76
N VAL A 206 -10.92 0.23 -9.14
CA VAL A 206 -9.62 0.08 -8.50
C VAL A 206 -9.65 0.68 -7.11
N GLY A 207 -9.14 -0.02 -6.11
CA GLY A 207 -8.80 0.58 -4.85
C GLY A 207 -7.30 0.47 -4.70
N ASP A 208 -6.64 1.56 -4.32
CA ASP A 208 -5.19 1.51 -4.27
C ASP A 208 -4.61 2.40 -3.19
N LYS A 209 -3.35 2.14 -2.84
CA LYS A 209 -2.56 3.00 -1.95
C LYS A 209 -1.17 3.16 -2.54
N THR A 210 -0.78 4.40 -2.82
CA THR A 210 0.54 4.75 -3.34
C THR A 210 1.56 4.86 -2.22
N GLY A 211 2.83 4.95 -2.61
CA GLY A 211 3.86 5.36 -1.68
C GLY A 211 5.04 5.94 -2.43
N SER A 212 5.76 6.82 -1.76
CA SER A 212 6.97 7.44 -2.31
C SER A 212 8.00 7.58 -1.21
N GLY A 213 9.26 7.56 -1.62
CA GLY A 213 10.33 7.75 -0.68
C GLY A 213 11.64 8.07 -1.35
N ASP A 214 12.72 8.07 -0.56
CA ASP A 214 14.03 8.36 -1.11
C ASP A 214 14.43 7.28 -2.11
N TYR A 215 15.52 7.51 -2.81
CA TYR A 215 15.97 6.62 -3.88
C TYR A 215 14.88 6.50 -4.94
N GLY A 216 14.12 7.57 -5.13
CA GLY A 216 13.10 7.59 -6.17
C GLY A 216 12.10 6.47 -6.01
N THR A 217 11.86 6.03 -4.77
CA THR A 217 10.98 4.91 -4.54
C THR A 217 9.56 5.33 -4.88
N THR A 218 8.90 4.51 -5.72
CA THR A 218 7.59 4.84 -6.26
C THR A 218 6.79 3.54 -6.25
N ASN A 219 5.75 3.50 -5.44
CA ASN A 219 5.03 2.28 -5.14
C ASN A 219 3.53 2.46 -5.30
N ASP A 220 2.84 1.34 -5.51
CA ASP A 220 1.38 1.32 -5.51
C ASP A 220 0.95 -0.10 -5.28
N ILE A 221 -0.10 -0.28 -4.49
CA ILE A 221 -0.73 -1.58 -4.27
C ILE A 221 -2.22 -1.43 -4.50
N ALA A 222 -2.81 -2.41 -5.18
CA ALA A 222 -4.18 -2.24 -5.65
C ALA A 222 -4.98 -3.51 -5.62
N VAL A 223 -6.27 -3.35 -5.34
N VAL A 223 -6.27 -3.36 -5.32
CA VAL A 223 -7.27 -4.39 -5.58
CA VAL A 223 -7.30 -4.36 -5.59
C VAL A 223 -8.09 -3.91 -6.78
C VAL A 223 -8.07 -3.89 -6.81
N ILE A 224 -8.32 -4.82 -7.74
CA ILE A 224 -8.83 -4.45 -9.05
C ILE A 224 -10.00 -5.34 -9.42
N TRP A 225 -11.08 -4.74 -9.89
CA TRP A 225 -12.25 -5.48 -10.36
C TRP A 225 -12.39 -5.26 -11.86
N PRO A 226 -11.87 -6.17 -12.69
CA PRO A 226 -12.08 -6.05 -14.12
C PRO A 226 -13.52 -6.32 -14.47
N GLN A 227 -13.91 -5.85 -15.65
CA GLN A 227 -15.26 -6.08 -16.12
C GLN A 227 -15.42 -7.55 -16.45
N GLY A 228 -16.39 -8.17 -15.81
CA GLY A 228 -16.89 -9.50 -16.20
C GLY A 228 -16.05 -10.68 -15.75
N ARG A 229 -15.32 -10.53 -14.64
CA ARG A 229 -14.18 -11.37 -14.35
C ARG A 229 -13.90 -11.26 -12.86
N ALA A 230 -13.32 -12.31 -12.28
CA ALA A 230 -12.96 -12.28 -10.87
C ALA A 230 -11.90 -11.20 -10.58
N PRO A 231 -11.90 -10.65 -9.37
CA PRO A 231 -10.94 -9.58 -9.06
C PRO A 231 -9.50 -10.05 -8.99
N LEU A 232 -8.62 -9.08 -9.04
CA LEU A 232 -7.18 -9.25 -9.02
C LEU A 232 -6.61 -8.40 -7.90
N VAL A 233 -5.42 -8.76 -7.45
CA VAL A 233 -4.60 -7.89 -6.61
C VAL A 233 -3.26 -7.69 -7.30
N LEU A 234 -2.80 -6.46 -7.32
CA LEU A 234 -1.54 -6.10 -7.95
C LEU A 234 -0.70 -5.23 -7.04
N VAL A 235 0.56 -5.63 -6.83
CA VAL A 235 1.56 -4.80 -6.16
C VAL A 235 2.61 -4.44 -7.20
N THR A 236 2.96 -3.15 -7.23
CA THR A 236 4.06 -2.66 -8.06
C THR A 236 4.95 -1.79 -7.18
N TYR A 237 6.17 -2.26 -6.92
CA TYR A 237 7.16 -1.55 -6.13
C TYR A 237 8.32 -1.20 -7.06
N PHE A 238 8.85 0.01 -6.90
CA PHE A 238 9.96 0.45 -7.75
C PHE A 238 10.90 1.32 -6.95
N THR A 239 12.20 1.03 -7.05
CA THR A 239 13.18 1.84 -6.35
C THR A 239 14.43 1.93 -7.20
N GLN A 240 15.23 2.96 -6.99
CA GLN A 240 16.28 3.30 -7.94
C GLN A 240 17.64 3.37 -7.25
N PRO A 241 18.75 3.34 -7.99
CA PRO A 241 20.04 3.17 -7.33
C PRO A 241 20.56 4.39 -6.62
N GLN A 242 20.15 5.60 -6.99
CA GLN A 242 20.71 6.84 -6.45
C GLN A 242 19.70 7.55 -5.58
N GLN A 243 20.19 8.12 -4.48
CA GLN A 243 19.34 8.69 -3.45
C GLN A 243 18.37 9.71 -4.01
N ASN A 244 18.85 10.60 -4.89
CA ASN A 244 18.04 11.74 -5.31
C ASN A 244 17.25 11.48 -6.58
N ALA A 245 17.06 10.22 -6.93
CA ALA A 245 16.31 9.89 -8.14
C ALA A 245 14.90 10.46 -8.07
N GLU A 246 14.39 10.82 -9.24
CA GLU A 246 13.04 11.37 -9.35
C GLU A 246 11.98 10.27 -9.27
N SER A 247 10.77 10.67 -8.91
CA SER A 247 9.63 9.76 -8.90
CA SER A 247 9.63 9.75 -8.89
C SER A 247 9.37 9.24 -10.31
N ARG A 248 8.91 7.98 -10.39
CA ARG A 248 8.62 7.35 -11.68
C ARG A 248 7.27 6.61 -11.63
N ARG A 249 6.20 7.37 -11.46
CA ARG A 249 4.88 6.76 -11.44
C ARG A 249 4.55 6.16 -12.79
N ASP A 250 5.15 6.66 -13.86
CA ASP A 250 4.93 6.09 -15.20
C ASP A 250 5.38 4.64 -15.28
N VAL A 251 6.39 4.25 -14.50
CA VAL A 251 6.85 2.85 -14.51
C VAL A 251 5.78 1.96 -13.95
N LEU A 252 5.08 2.41 -12.92
CA LEU A 252 4.00 1.62 -12.34
C LEU A 252 2.84 1.48 -13.30
N ALA A 253 2.47 2.59 -13.97
CA ALA A 253 1.42 2.53 -14.97
C ALA A 253 1.80 1.55 -16.07
N SER A 254 3.07 1.57 -16.49
CA SER A 254 3.52 0.67 -17.54
C SER A 254 3.49 -0.78 -17.08
N ALA A 255 3.86 -1.04 -15.84
CA ALA A 255 3.77 -2.39 -15.31
C ALA A 255 2.33 -2.87 -15.30
N ALA A 256 1.40 -2.01 -14.86
CA ALA A 256 0.00 -2.39 -14.84
C ALA A 256 -0.51 -2.68 -16.23
N ARG A 257 -0.12 -1.87 -17.22
CA ARG A 257 -0.55 -2.09 -18.60
C ARG A 257 -0.07 -3.45 -19.10
N ILE A 258 1.17 -3.82 -18.76
CA ILE A 258 1.68 -5.14 -19.14
C ILE A 258 0.85 -6.24 -18.52
N ILE A 259 0.61 -6.14 -17.20
CA ILE A 259 -0.08 -7.18 -16.44
CA ILE A 259 -0.04 -7.26 -16.55
C ILE A 259 -1.50 -7.35 -16.94
N ALA A 260 -2.12 -6.25 -17.40
CA ALA A 260 -3.52 -6.33 -17.78
C ALA A 260 -3.76 -7.07 -19.07
N GLU A 261 -2.74 -7.25 -19.89
CA GLU A 261 -2.91 -7.91 -21.18
C GLU A 261 -3.41 -9.33 -20.96
N GLY A 262 -4.52 -9.66 -21.62
CA GLY A 262 -5.12 -10.97 -21.47
C GLY A 262 -6.08 -11.11 -20.30
N LEU A 263 -6.19 -10.11 -19.43
CA LEU A 263 -7.14 -10.14 -18.32
C LEU A 263 -8.38 -9.30 -18.61
#